data_5SAZ
#
_entry.id   5SAZ
#
_cell.length_a   62.097
_cell.length_b   74.572
_cell.length_c   75.723
_cell.angle_alpha   90.000
_cell.angle_beta   90.000
_cell.angle_gamma   90.000
#
_symmetry.space_group_name_H-M   'P 21 21 21'
#
loop_
_entity.id
_entity.type
_entity.pdbx_description
1 polymer 'Epithelial discoidin domain-containing receptor 1'
2 non-polymer 2-chloro-5-{3-chloro-4-[(2-hydroxyethyl)amino]benzamido}-N-(1H-pyrrolo[2,3-b]pyridin-5-yl)benzamide
3 non-polymer '2-(N-MORPHOLINO)-ETHANESULFONIC ACID'
4 non-polymer 'CHLORIDE ION'
5 water water
#
_entity_poly.entity_id   1
_entity_poly.type   'polypeptide(L)'
_entity_poly.pdbx_seq_one_letter_code
;PGAVGDGPPRVDFPRSRLRFKEKLGEGQFGEVHLCEVDSPQDLVSLDFPLNVRKGHPLLVAVKILRPDATKNARNDFLKE
VKIMSRLKDPNIIRLLGVCVQDDPLCMITDYMENGDLNQFLSAHQLEDKAAEGAPGDPTISYPMLLHVAAQIASGMRYLA
TLNFVHRDLATRNCLVGENFTIKIADFGMSRNLYAGDYYRVQGRAVLPIRWMAWECILMGKFTTASDVWAFGVTLWEVLM
LCRAQPFGQLTDEQVIENAGEFFRDQGRQVYLSRPPACPQGLYELMLRCWSRESEQRPPFSQLHRFLAEDALNTVHHHHH
H
;
_entity_poly.pdbx_strand_id   A
#
# COMPACT_ATOMS: atom_id res chain seq x y z
N VAL A 11 -21.39 9.47 -9.13
CA VAL A 11 -22.00 8.51 -10.05
C VAL A 11 -22.72 7.41 -9.28
N ASP A 12 -23.97 7.16 -9.64
CA ASP A 12 -24.78 6.10 -9.06
C ASP A 12 -25.06 5.05 -10.12
N PHE A 13 -24.83 3.78 -9.77
CA PHE A 13 -24.84 2.69 -10.73
C PHE A 13 -25.72 1.55 -10.23
N PRO A 14 -26.50 0.93 -11.11
CA PRO A 14 -27.36 -0.19 -10.69
C PRO A 14 -26.60 -1.52 -10.71
N ARG A 15 -26.68 -2.27 -9.61
CA ARG A 15 -26.03 -3.57 -9.55
C ARG A 15 -26.54 -4.52 -10.64
N SER A 16 -27.75 -4.31 -11.13
CA SER A 16 -28.26 -5.12 -12.22
C SER A 16 -27.41 -4.95 -13.48
N ARG A 17 -26.89 -3.75 -13.70
CA ARG A 17 -26.03 -3.48 -14.86
C ARG A 17 -24.60 -3.96 -14.67
N LEU A 18 -24.30 -4.61 -13.55
CA LEU A 18 -23.01 -5.26 -13.34
C LEU A 18 -23.14 -6.74 -13.64
N ARG A 19 -22.07 -7.32 -14.17
CA ARG A 19 -21.99 -8.76 -14.39
C ARG A 19 -20.76 -9.27 -13.65
N PHE A 20 -21.00 -10.01 -12.58
CA PHE A 20 -19.91 -10.50 -11.72
C PHE A 20 -19.20 -11.67 -12.38
N LYS A 21 -17.87 -11.64 -12.36
CA LYS A 21 -17.06 -12.60 -13.10
C LYS A 21 -16.18 -13.47 -12.21
N GLU A 22 -15.47 -12.88 -11.24
CA GLU A 22 -14.66 -13.69 -10.33
C GLU A 22 -14.36 -12.87 -9.09
N LYS A 23 -14.03 -13.58 -8.02
CA LYS A 23 -13.65 -12.94 -6.77
C LYS A 23 -12.19 -12.54 -6.81
N LEU A 24 -11.90 -11.27 -6.52
CA LEU A 24 -10.52 -10.79 -6.55
C LEU A 24 -9.83 -10.84 -5.20
N GLY A 25 -10.58 -10.78 -4.11
CA GLY A 25 -9.99 -10.80 -2.79
C GLY A 25 -10.94 -10.15 -1.79
N GLU A 26 -10.39 -9.75 -0.66
CA GLU A 26 -11.22 -9.18 0.39
C GLU A 26 -10.51 -7.98 1.00
N GLY A 27 -11.29 -6.93 1.27
CA GLY A 27 -10.84 -5.85 2.12
C GLY A 27 -11.41 -5.98 3.52
N GLN A 28 -11.09 -4.99 4.36
CA GLN A 28 -11.51 -5.07 5.75
C GLN A 28 -13.03 -5.20 5.86
N PHE A 29 -13.77 -4.44 5.05
CA PHE A 29 -15.21 -4.34 5.24
C PHE A 29 -16.03 -4.86 4.07
N GLY A 30 -15.43 -5.62 3.16
CA GLY A 30 -16.22 -6.25 2.11
C GLY A 30 -15.33 -7.08 1.21
N GLU A 31 -15.98 -7.80 0.30
CA GLU A 31 -15.29 -8.64 -0.66
C GLU A 31 -15.31 -7.99 -2.04
N VAL A 32 -14.25 -8.22 -2.81
CA VAL A 32 -14.02 -7.53 -4.08
C VAL A 32 -14.19 -8.52 -5.23
N HIS A 33 -14.98 -8.12 -6.23
CA HIS A 33 -15.26 -8.94 -7.40
C HIS A 33 -14.89 -8.20 -8.67
N LEU A 34 -14.40 -8.95 -9.66
CA LEU A 34 -14.24 -8.43 -11.00
C LEU A 34 -15.59 -8.44 -11.71
N CYS A 35 -16.00 -7.30 -12.29
CA CYS A 35 -17.27 -7.19 -12.98
C CYS A 35 -17.08 -6.57 -14.36
N GLU A 36 -17.94 -6.96 -15.29
CA GLU A 36 -18.02 -6.36 -16.62
C GLU A 36 -19.17 -5.36 -16.66
N VAL A 37 -19.02 -4.33 -17.49
CA VAL A 37 -20.05 -3.32 -17.69
C VAL A 37 -20.24 -3.12 -19.19
N ASP A 38 -21.50 -3.22 -19.65
CA ASP A 38 -21.78 -3.12 -21.08
C ASP A 38 -21.92 -1.68 -21.54
N SER A 39 -22.80 -0.90 -20.88
CA SER A 39 -22.98 0.52 -21.19
C SER A 39 -22.35 1.32 -20.05
N PRO A 40 -21.06 1.63 -20.14
CA PRO A 40 -20.37 2.27 -19.00
C PRO A 40 -20.36 3.78 -19.07
N GLN A 41 -21.46 4.37 -19.53
CA GLN A 41 -21.49 5.82 -19.78
C GLN A 41 -21.37 6.61 -18.48
N ASP A 42 -22.11 6.20 -17.43
CA ASP A 42 -22.22 7.04 -16.24
C ASP A 42 -20.93 7.12 -15.45
N LEU A 43 -20.07 6.10 -15.53
CA LEU A 43 -18.96 5.97 -14.59
C LEU A 43 -17.91 7.06 -14.78
N VAL A 44 -17.23 7.38 -13.68
CA VAL A 44 -16.35 8.55 -13.64
C VAL A 44 -15.06 8.29 -14.41
N SER A 45 -14.54 7.06 -14.34
CA SER A 45 -13.33 6.62 -15.06
C SER A 45 -12.22 7.66 -15.14
N HIS A 56 -13.57 -5.51 -25.10
CA HIS A 56 -15.00 -5.33 -25.31
C HIS A 56 -15.67 -4.54 -24.21
N PRO A 57 -16.25 -5.23 -23.23
CA PRO A 57 -16.87 -4.53 -22.11
C PRO A 57 -15.83 -3.95 -21.16
N LEU A 58 -16.24 -2.91 -20.45
CA LEU A 58 -15.39 -2.33 -19.42
C LEU A 58 -15.31 -3.26 -18.22
N LEU A 59 -14.10 -3.52 -17.74
CA LEU A 59 -13.88 -4.28 -16.52
C LEU A 59 -13.67 -3.31 -15.36
N VAL A 60 -14.36 -3.56 -14.24
CA VAL A 60 -14.18 -2.77 -13.03
C VAL A 60 -14.07 -3.73 -11.85
N ALA A 61 -13.61 -3.19 -10.72
CA ALA A 61 -13.58 -3.92 -9.47
C ALA A 61 -14.69 -3.38 -8.58
N VAL A 62 -15.42 -4.29 -7.92
CA VAL A 62 -16.59 -3.90 -7.15
C VAL A 62 -16.50 -4.51 -5.76
N LYS A 63 -16.62 -3.68 -4.74
CA LYS A 63 -16.64 -4.15 -3.36
C LYS A 63 -18.07 -4.17 -2.86
N ILE A 64 -18.48 -5.32 -2.32
CA ILE A 64 -19.81 -5.49 -1.74
C ILE A 64 -19.65 -5.98 -0.30
N LEU A 65 -20.73 -5.88 0.46
CA LEU A 65 -20.72 -6.40 1.82
C LEU A 65 -20.58 -7.93 1.80
N ARG A 66 -19.88 -8.45 2.82
CA ARG A 66 -19.85 -9.89 3.04
C ARG A 66 -21.27 -10.40 3.28
N PRO A 67 -21.52 -11.69 3.02
CA PRO A 67 -22.87 -12.23 3.22
C PRO A 67 -23.33 -12.27 4.67
N ASP A 68 -22.42 -12.23 5.65
CA ASP A 68 -22.78 -12.18 7.05
C ASP A 68 -22.54 -10.79 7.64
N ALA A 69 -22.65 -9.75 6.81
CA ALA A 69 -22.31 -8.40 7.25
C ALA A 69 -23.22 -7.92 8.36
N THR A 70 -22.62 -7.40 9.42
CA THR A 70 -23.31 -6.88 10.58
C THR A 70 -23.70 -5.41 10.38
N LYS A 71 -24.54 -4.90 11.27
CA LYS A 71 -24.85 -3.47 11.27
C LYS A 71 -23.57 -2.64 11.40
N ASN A 72 -22.59 -3.14 12.16
CA ASN A 72 -21.35 -2.40 12.32
C ASN A 72 -20.52 -2.41 11.04
N ALA A 73 -20.51 -3.53 10.31
CA ALA A 73 -19.75 -3.58 9.08
C ALA A 73 -20.33 -2.65 8.04
N ARG A 74 -21.66 -2.52 7.99
CA ARG A 74 -22.27 -1.58 7.05
C ARG A 74 -21.88 -0.14 7.38
N ASN A 75 -21.88 0.20 8.67
CA ASN A 75 -21.45 1.54 9.09
C ASN A 75 -20.02 1.82 8.64
N ASP A 76 -19.11 0.86 8.86
CA ASP A 76 -17.72 1.06 8.45
C ASP A 76 -17.59 1.15 6.94
N PHE A 77 -18.43 0.42 6.22
CA PHE A 77 -18.46 0.49 4.76
C PHE A 77 -18.89 1.87 4.29
N LEU A 78 -19.93 2.45 4.90
CA LEU A 78 -20.37 3.78 4.51
C LEU A 78 -19.29 4.83 4.77
N LYS A 79 -18.56 4.69 5.89
CA LYS A 79 -17.47 5.64 6.14
C LYS A 79 -16.34 5.47 5.13
N GLU A 80 -16.06 4.24 4.68
CA GLU A 80 -15.03 4.05 3.67
C GLU A 80 -15.40 4.76 2.38
N VAL A 81 -16.67 4.74 1.99
CA VAL A 81 -17.12 5.49 0.82
C VAL A 81 -16.74 6.96 0.95
N LYS A 82 -16.99 7.54 2.13
CA LYS A 82 -16.69 8.95 2.35
C LYS A 82 -15.21 9.23 2.22
N ILE A 83 -14.39 8.38 2.82
CA ILE A 83 -12.94 8.57 2.74
C ILE A 83 -12.48 8.43 1.29
N MET A 84 -12.98 7.42 0.58
CA MET A 84 -12.59 7.17 -0.81
CA MET A 84 -12.51 7.23 -0.79
C MET A 84 -13.03 8.29 -1.73
N SER A 85 -14.13 8.97 -1.41
CA SER A 85 -14.68 9.97 -2.33
C SER A 85 -13.73 11.14 -2.58
N ARG A 86 -12.77 11.38 -1.69
CA ARG A 86 -11.86 12.50 -1.88
CA ARG A 86 -11.82 12.48 -1.79
C ARG A 86 -10.52 12.11 -2.48
N LEU A 87 -10.27 10.82 -2.68
CA LEU A 87 -8.96 10.38 -3.20
C LEU A 87 -8.97 10.46 -4.71
N LYS A 88 -8.26 11.47 -5.26
CA LYS A 88 -8.28 11.76 -6.69
C LYS A 88 -6.85 12.03 -7.15
N ASP A 89 -6.12 10.97 -7.46
CA ASP A 89 -4.73 11.06 -7.89
C ASP A 89 -4.40 9.85 -8.75
N PRO A 90 -3.54 10.02 -9.76
CA PRO A 90 -3.20 8.89 -10.64
C PRO A 90 -2.60 7.69 -9.92
N ASN A 91 -2.03 7.86 -8.73
CA ASN A 91 -1.38 6.75 -8.04
C ASN A 91 -2.11 6.37 -6.75
N ILE A 92 -3.37 6.78 -6.62
CA ILE A 92 -4.25 6.37 -5.53
C ILE A 92 -5.47 5.71 -6.17
N ILE A 93 -5.92 4.59 -5.59
CA ILE A 93 -7.12 3.94 -6.10
C ILE A 93 -8.25 4.96 -6.16
N ARG A 94 -9.09 4.85 -7.18
CA ARG A 94 -10.11 5.85 -7.46
C ARG A 94 -11.49 5.23 -7.42
N LEU A 95 -12.41 5.87 -6.71
CA LEU A 95 -13.80 5.45 -6.68
C LEU A 95 -14.49 5.95 -7.95
N LEU A 96 -14.93 5.03 -8.80
CA LEU A 96 -15.64 5.38 -10.02
C LEU A 96 -17.12 5.63 -9.77
N GLY A 97 -17.69 4.96 -8.76
CA GLY A 97 -19.07 5.22 -8.39
C GLY A 97 -19.47 4.31 -7.24
N VAL A 98 -20.73 4.48 -6.83
CA VAL A 98 -21.35 3.65 -5.82
C VAL A 98 -22.69 3.18 -6.36
N CYS A 99 -23.22 2.12 -5.75
CA CYS A 99 -24.53 1.62 -6.16
C CYS A 99 -25.64 2.55 -5.65
N VAL A 100 -26.77 2.52 -6.34
CA VAL A 100 -27.85 3.48 -6.06
C VAL A 100 -28.52 3.14 -4.72
N GLN A 101 -29.25 4.12 -4.18
CA GLN A 101 -29.74 4.07 -2.80
C GLN A 101 -30.53 2.79 -2.50
N ASP A 102 -31.35 2.34 -3.44
CA ASP A 102 -32.18 1.16 -3.20
C ASP A 102 -31.41 -0.14 -3.32
N ASP A 103 -30.26 -0.13 -4.01
CA ASP A 103 -29.47 -1.34 -4.16
C ASP A 103 -28.74 -1.68 -2.86
N PRO A 104 -28.33 -2.94 -2.71
CA PRO A 104 -27.32 -3.26 -1.69
C PRO A 104 -26.06 -2.44 -1.95
N LEU A 105 -25.35 -2.13 -0.88
CA LEU A 105 -24.20 -1.23 -0.99
C LEU A 105 -23.12 -1.81 -1.89
N CYS A 106 -22.45 -0.94 -2.63
CA CYS A 106 -21.28 -1.35 -3.39
C CYS A 106 -20.39 -0.15 -3.66
N MET A 107 -19.09 -0.40 -3.78
CA MET A 107 -18.11 0.56 -4.26
C MET A 107 -17.48 0.04 -5.54
N ILE A 108 -17.28 0.91 -6.52
CA ILE A 108 -16.71 0.55 -7.82
C ILE A 108 -15.41 1.32 -8.01
N THR A 109 -14.32 0.61 -8.30
CA THR A 109 -13.04 1.23 -8.62
C THR A 109 -12.53 0.71 -9.96
N ASP A 110 -11.44 1.32 -10.43
CA ASP A 110 -10.72 0.76 -11.56
C ASP A 110 -10.27 -0.66 -11.22
N TYR A 111 -10.13 -1.48 -12.26
CA TYR A 111 -9.61 -2.83 -12.09
C TYR A 111 -8.12 -2.83 -12.41
N MET A 112 -7.30 -3.13 -11.42
CA MET A 112 -5.84 -3.18 -11.61
C MET A 112 -5.51 -4.62 -12.03
N GLU A 113 -5.28 -4.83 -13.33
CA GLU A 113 -5.29 -6.18 -13.87
C GLU A 113 -4.14 -7.06 -13.36
N ASN A 114 -3.07 -6.47 -12.82
CA ASN A 114 -1.96 -7.28 -12.32
C ASN A 114 -2.00 -7.45 -10.81
N GLY A 115 -3.02 -6.91 -10.15
CA GLY A 115 -3.31 -7.20 -8.77
C GLY A 115 -2.26 -6.69 -7.78
N ASP A 116 -2.15 -7.45 -6.70
CA ASP A 116 -1.28 -7.18 -5.55
C ASP A 116 0.19 -6.96 -5.94
N LEU A 117 0.78 -5.82 -5.51
CA LEU A 117 2.17 -5.56 -5.87
C LEU A 117 3.14 -6.55 -5.23
N ASN A 118 2.86 -6.98 -3.99
CA ASN A 118 3.72 -7.97 -3.34
C ASN A 118 3.75 -9.25 -4.16
N GLN A 119 2.58 -9.76 -4.55
CA GLN A 119 2.53 -10.99 -5.34
C GLN A 119 3.10 -10.78 -6.74
N PHE A 120 2.85 -9.61 -7.33
CA PHE A 120 3.35 -9.32 -8.69
C PHE A 120 4.88 -9.27 -8.70
N LEU A 121 5.48 -8.48 -7.82
CA LEU A 121 6.94 -8.39 -7.80
C LEU A 121 7.59 -9.71 -7.41
N SER A 122 6.95 -10.48 -6.53
CA SER A 122 7.48 -11.78 -6.13
C SER A 122 7.65 -12.72 -7.32
N ALA A 123 6.90 -12.49 -8.39
CA ALA A 123 6.97 -13.30 -9.60
C ALA A 123 8.06 -12.86 -10.57
N HIS A 124 8.93 -11.93 -10.17
CA HIS A 124 9.97 -11.39 -11.04
C HIS A 124 11.32 -11.54 -10.36
N GLN A 125 12.38 -11.57 -11.17
CA GLN A 125 13.71 -11.36 -10.61
C GLN A 125 14.40 -10.23 -11.36
N LEU A 126 15.39 -9.65 -10.70
CA LEU A 126 16.15 -8.56 -11.30
C LEU A 126 16.84 -9.06 -12.55
N GLU A 127 16.74 -8.28 -13.62
CA GLU A 127 17.34 -8.70 -14.89
C GLU A 127 18.84 -8.88 -14.74
N ASP A 128 19.37 -9.95 -15.34
CA ASP A 128 20.79 -10.21 -15.35
C ASP A 128 21.43 -9.35 -16.44
N LYS A 129 22.39 -8.51 -16.05
CA LYS A 129 23.00 -7.57 -16.99
C LYS A 129 23.57 -8.27 -18.21
N ALA A 130 24.13 -9.48 -18.01
CA ALA A 130 24.80 -10.19 -19.08
C ALA A 130 23.84 -11.13 -19.82
N ALA A 131 23.54 -12.28 -19.23
CA ALA A 131 22.75 -13.30 -19.89
C ALA A 131 21.26 -13.13 -19.60
N ASP A 137 10.55 -17.06 -17.49
CA ASP A 137 10.78 -16.35 -16.23
C ASP A 137 10.86 -14.84 -16.47
N PRO A 138 9.82 -14.12 -16.07
CA PRO A 138 9.78 -12.67 -16.30
C PRO A 138 10.75 -11.93 -15.38
N THR A 139 11.27 -10.82 -15.87
CA THR A 139 12.31 -10.07 -15.19
C THR A 139 11.90 -8.60 -15.11
N ILE A 140 12.64 -7.86 -14.28
CA ILE A 140 12.38 -6.43 -14.07
C ILE A 140 13.72 -5.73 -13.90
N SER A 141 13.83 -4.54 -14.47
CA SER A 141 15.08 -3.80 -14.44
C SER A 141 15.15 -2.95 -13.17
N TYR A 142 16.36 -2.54 -12.82
CA TYR A 142 16.52 -1.60 -11.71
C TYR A 142 15.81 -0.28 -12.00
N PRO A 143 15.91 0.33 -13.18
CA PRO A 143 15.11 1.54 -13.44
C PRO A 143 13.61 1.33 -13.29
N MET A 144 13.10 0.13 -13.57
CA MET A 144 11.68 -0.09 -13.36
C MET A 144 11.35 -0.20 -11.87
N LEU A 145 12.27 -0.73 -11.06
CA LEU A 145 12.06 -0.70 -9.61
C LEU A 145 11.99 0.74 -9.11
N LEU A 146 12.87 1.61 -9.61
CA LEU A 146 12.79 3.02 -9.26
C LEU A 146 11.46 3.63 -9.70
N HIS A 147 10.96 3.24 -10.87
CA HIS A 147 9.72 3.81 -11.38
C HIS A 147 8.54 3.37 -10.51
N VAL A 148 8.56 2.11 -10.03
CA VAL A 148 7.51 1.65 -9.12
C VAL A 148 7.56 2.43 -7.81
N ALA A 149 8.76 2.56 -7.22
CA ALA A 149 8.90 3.29 -5.98
C ALA A 149 8.51 4.77 -6.14
N ALA A 150 8.87 5.37 -7.28
CA ALA A 150 8.56 6.78 -7.49
C ALA A 150 7.05 7.01 -7.51
N GLN A 151 6.30 6.09 -8.12
CA GLN A 151 4.84 6.25 -8.17
C GLN A 151 4.22 6.16 -6.78
N ILE A 152 4.71 5.23 -5.96
CA ILE A 152 4.23 5.17 -4.58
C ILE A 152 4.53 6.48 -3.86
N ALA A 153 5.75 7.00 -4.05
CA ALA A 153 6.10 8.27 -3.43
C ALA A 153 5.18 9.39 -3.91
N SER A 154 4.85 9.40 -5.21
CA SER A 154 3.94 10.43 -5.73
C SER A 154 2.55 10.30 -5.10
N GLY A 155 2.04 9.08 -5.00
CA GLY A 155 0.76 8.89 -4.33
C GLY A 155 0.79 9.36 -2.89
N MET A 156 1.87 9.03 -2.17
CA MET A 156 1.97 9.47 -0.78
C MET A 156 2.11 10.98 -0.68
N ARG A 157 2.86 11.58 -1.62
CA ARG A 157 2.92 13.05 -1.69
C ARG A 157 1.52 13.65 -1.77
N TYR A 158 0.67 13.08 -2.62
CA TYR A 158 -0.70 13.57 -2.73
C TYR A 158 -1.47 13.39 -1.42
N LEU A 159 -1.37 12.21 -0.80
CA LEU A 159 -2.07 12.01 0.47
C LEU A 159 -1.64 13.03 1.50
N ALA A 160 -0.33 13.32 1.58
CA ALA A 160 0.16 14.32 2.54
C ALA A 160 -0.46 15.69 2.30
N THR A 161 -0.76 16.05 1.05
CA THR A 161 -1.41 17.33 0.79
C THR A 161 -2.84 17.35 1.32
N LEU A 162 -3.49 16.19 1.39
CA LEU A 162 -4.80 16.09 2.03
C LEU A 162 -4.71 15.96 3.54
N ASN A 163 -3.50 15.99 4.11
CA ASN A 163 -3.26 15.68 5.52
C ASN A 163 -3.88 14.33 5.88
N PHE A 164 -3.76 13.37 4.95
CA PHE A 164 -4.34 12.05 5.14
C PHE A 164 -3.22 11.07 5.48
N VAL A 165 -3.36 10.36 6.59
CA VAL A 165 -2.36 9.41 7.06
C VAL A 165 -2.83 8.02 6.71
N HIS A 166 -2.02 7.28 5.94
CA HIS A 166 -2.46 5.98 5.45
C HIS A 166 -2.52 4.94 6.58
N ARG A 167 -1.48 4.89 7.41
CA ARG A 167 -1.29 4.03 8.58
C ARG A 167 -0.86 2.60 8.24
N ASP A 168 -0.90 2.16 6.98
CA ASP A 168 -0.54 0.78 6.68
C ASP A 168 0.06 0.67 5.28
N LEU A 169 0.98 1.56 4.94
CA LEU A 169 1.65 1.49 3.64
C LEU A 169 2.60 0.30 3.62
N ALA A 170 2.47 -0.52 2.58
CA ALA A 170 3.25 -1.73 2.38
C ALA A 170 2.94 -2.20 0.97
N THR A 171 3.82 -3.06 0.42
CA THR A 171 3.56 -3.49 -0.97
C THR A 171 2.27 -4.29 -1.06
N ARG A 172 1.87 -4.98 0.02
CA ARG A 172 0.63 -5.75 0.00
C ARG A 172 -0.61 -4.87 -0.15
N ASN A 173 -0.48 -3.57 0.09
CA ASN A 173 -1.61 -2.65 -0.06
C ASN A 173 -1.52 -1.83 -1.35
N CYS A 174 -0.60 -2.14 -2.25
CA CYS A 174 -0.49 -1.47 -3.54
C CYS A 174 -0.99 -2.40 -4.63
N LEU A 175 -1.58 -1.80 -5.67
CA LEU A 175 -2.13 -2.55 -6.79
C LEU A 175 -1.38 -2.17 -8.07
N VAL A 176 -1.30 -3.12 -9.01
CA VAL A 176 -0.53 -2.94 -10.24
C VAL A 176 -1.48 -3.05 -11.43
N GLY A 177 -1.45 -2.05 -12.31
CA GLY A 177 -2.21 -2.03 -13.55
C GLY A 177 -1.36 -2.40 -14.74
N GLU A 178 -1.68 -1.81 -15.88
CA GLU A 178 -0.91 -2.03 -17.10
C GLU A 178 0.41 -1.27 -17.04
N ASN A 179 1.45 -1.87 -17.60
CA ASN A 179 2.76 -1.21 -17.73
C ASN A 179 3.27 -0.70 -16.38
N PHE A 180 3.14 -1.53 -15.35
CA PHE A 180 3.71 -1.25 -14.03
C PHE A 180 3.15 0.05 -13.43
N THR A 181 1.93 0.45 -13.79
CA THR A 181 1.30 1.55 -13.09
C THR A 181 0.87 1.09 -11.70
N ILE A 182 1.08 1.94 -10.71
CA ILE A 182 0.85 1.58 -9.31
C ILE A 182 -0.24 2.47 -8.75
N LYS A 183 -1.19 1.86 -8.04
CA LYS A 183 -2.17 2.60 -7.25
C LYS A 183 -2.11 2.12 -5.80
N ILE A 184 -1.98 3.06 -4.86
CA ILE A 184 -2.03 2.74 -3.44
C ILE A 184 -3.48 2.52 -3.04
N ALA A 185 -3.73 1.47 -2.27
CA ALA A 185 -5.07 1.12 -1.81
C ALA A 185 -4.96 0.70 -0.35
N ASP A 186 -6.01 0.06 0.18
CA ASP A 186 -5.94 -0.45 1.54
C ASP A 186 -6.87 -1.65 1.65
N PHE A 187 -6.29 -2.81 1.94
CA PHE A 187 -7.05 -4.05 2.10
C PHE A 187 -7.30 -4.42 3.54
N GLY A 188 -6.89 -3.60 4.50
CA GLY A 188 -7.09 -3.95 5.89
C GLY A 188 -6.11 -5.01 6.34
N MET A 189 -6.32 -5.48 7.56
CA MET A 189 -5.33 -6.25 8.29
C MET A 189 -5.74 -7.70 8.55
N SER A 190 -6.82 -8.18 7.94
CA SER A 190 -7.39 -9.47 8.31
C SER A 190 -7.15 -10.57 7.29
N ARG A 191 -6.56 -10.29 6.13
CA ARG A 191 -6.36 -11.33 5.13
C ARG A 191 -5.39 -12.39 5.62
N ASN A 192 -5.74 -13.66 5.38
CA ASN A 192 -4.91 -14.76 5.87
C ASN A 192 -3.52 -14.72 5.24
N LEU A 193 -3.43 -14.36 3.95
CA LEU A 193 -2.16 -14.42 3.23
C LEU A 193 -1.07 -13.61 3.92
N TYR A 194 -1.43 -12.51 4.56
CA TYR A 194 -0.46 -11.59 5.16
C TYR A 194 -0.56 -11.56 6.70
N ALA A 195 -1.15 -12.59 7.30
CA ALA A 195 -1.35 -12.60 8.75
C ALA A 195 -0.05 -12.40 9.51
N GLY A 196 1.06 -12.93 9.00
CA GLY A 196 2.33 -12.80 9.68
C GLY A 196 2.90 -11.40 9.66
N ASP A 197 2.34 -10.50 8.86
CA ASP A 197 2.77 -9.11 8.80
C ASP A 197 2.12 -8.26 9.88
N TYR A 198 1.24 -8.84 10.70
CA TYR A 198 0.55 -8.08 11.73
C TYR A 198 0.74 -8.73 13.10
N TYR A 199 0.82 -7.88 14.13
CA TYR A 199 0.97 -8.29 15.52
C TYR A 199 -0.36 -8.13 16.24
N ARG A 200 -0.88 -9.22 16.80
CA ARG A 200 -2.23 -9.25 17.36
C ARG A 200 -2.17 -9.53 18.85
N VAL A 201 -2.86 -8.70 19.63
CA VAL A 201 -3.04 -8.88 21.06
C VAL A 201 -4.52 -8.68 21.34
N GLN A 202 -5.12 -9.58 22.13
CA GLN A 202 -6.56 -9.52 22.37
C GLN A 202 -6.94 -8.15 22.93
N GLY A 203 -8.00 -7.57 22.38
CA GLY A 203 -8.50 -6.28 22.82
C GLY A 203 -7.76 -5.07 22.29
N ARG A 204 -6.72 -5.26 21.48
CA ARG A 204 -5.92 -4.15 20.98
C ARG A 204 -6.07 -4.01 19.47
N ALA A 205 -5.73 -2.83 18.99
CA ALA A 205 -5.59 -2.62 17.56
C ALA A 205 -4.50 -3.53 17.01
N VAL A 206 -4.78 -4.11 15.84
CA VAL A 206 -3.79 -4.89 15.11
C VAL A 206 -2.72 -3.96 14.54
N LEU A 207 -1.46 -4.40 14.56
CA LEU A 207 -0.33 -3.51 14.25
C LEU A 207 0.61 -4.13 13.23
N PRO A 208 0.89 -3.46 12.09
CA PRO A 208 1.97 -3.87 11.17
C PRO A 208 3.34 -3.45 11.67
N ILE A 209 3.79 -4.09 12.76
CA ILE A 209 4.91 -3.55 13.53
C ILE A 209 6.20 -3.46 12.71
N ARG A 210 6.42 -4.36 11.74
CA ARG A 210 7.68 -4.33 11.01
C ARG A 210 7.78 -3.15 10.04
N TRP A 211 6.66 -2.47 9.79
CA TRP A 211 6.61 -1.28 8.97
C TRP A 211 6.49 -0.01 9.79
N MET A 212 6.43 -0.12 11.11
CA MET A 212 6.02 0.99 11.97
C MET A 212 7.22 1.70 12.58
N ALA A 213 7.18 3.03 12.53
CA ALA A 213 8.16 3.87 13.20
C ALA A 213 8.13 3.60 14.71
N TRP A 214 9.26 3.88 15.36
CA TRP A 214 9.38 3.53 16.77
C TRP A 214 8.34 4.23 17.61
N GLU A 215 8.00 5.48 17.28
CA GLU A 215 7.01 6.21 18.05
C GLU A 215 5.60 5.68 17.83
N CYS A 216 5.35 5.01 16.70
CA CYS A 216 4.08 4.32 16.52
C CYS A 216 3.98 3.10 17.44
N ILE A 217 5.06 2.33 17.53
CA ILE A 217 5.03 1.13 18.35
C ILE A 217 4.86 1.51 19.83
N LEU A 218 5.59 2.52 20.28
CA LEU A 218 5.59 2.83 21.70
C LEU A 218 4.38 3.67 22.11
N MET A 219 3.87 4.52 21.21
CA MET A 219 2.83 5.47 21.58
C MET A 219 1.58 5.37 20.73
N GLY A 220 1.54 4.47 19.75
CA GLY A 220 0.32 4.19 19.02
C GLY A 220 -0.22 5.34 18.20
N LYS A 221 0.62 6.31 17.84
CA LYS A 221 0.14 7.46 17.09
C LYS A 221 0.84 7.56 15.74
N PHE A 222 0.04 7.88 14.74
CA PHE A 222 0.42 7.78 13.33
C PHE A 222 0.35 9.16 12.69
N THR A 223 1.36 9.50 11.89
CA THR A 223 1.49 10.81 11.28
C THR A 223 1.99 10.63 9.85
N THR A 224 2.07 11.74 9.11
CA THR A 224 2.74 11.69 7.81
C THR A 224 4.21 11.28 7.98
N ALA A 225 4.85 11.67 9.08
CA ALA A 225 6.25 11.27 9.29
C ALA A 225 6.38 9.77 9.54
N SER A 226 5.37 9.12 10.14
CA SER A 226 5.44 7.67 10.25
C SER A 226 5.06 6.99 8.94
N ASP A 227 4.26 7.64 8.10
CA ASP A 227 4.08 7.13 6.74
C ASP A 227 5.41 7.17 5.97
N VAL A 228 6.24 8.18 6.23
CA VAL A 228 7.55 8.23 5.56
C VAL A 228 8.41 7.05 6.00
N TRP A 229 8.40 6.75 7.30
CA TRP A 229 9.10 5.55 7.79
C TRP A 229 8.60 4.30 7.08
N ALA A 230 7.28 4.11 7.01
CA ALA A 230 6.72 2.95 6.32
C ALA A 230 7.07 2.96 4.84
N PHE A 231 7.18 4.14 4.23
CA PHE A 231 7.59 4.16 2.83
C PHE A 231 9.00 3.63 2.68
N GLY A 232 9.88 3.99 3.60
CA GLY A 232 11.22 3.42 3.60
C GLY A 232 11.21 1.91 3.60
N VAL A 233 10.37 1.30 4.45
CA VAL A 233 10.27 -0.15 4.47
C VAL A 233 9.65 -0.66 3.18
N THR A 234 8.67 0.05 2.64
CA THR A 234 8.07 -0.37 1.37
C THR A 234 9.08 -0.32 0.25
N LEU A 235 9.91 0.74 0.22
CA LEU A 235 10.99 0.84 -0.76
C LEU A 235 11.97 -0.32 -0.61
N TRP A 236 12.31 -0.66 0.63
CA TRP A 236 13.14 -1.83 0.89
C TRP A 236 12.50 -3.10 0.31
N GLU A 237 11.20 -3.30 0.58
CA GLU A 237 10.48 -4.43 -0.01
C GLU A 237 10.65 -4.47 -1.52
N VAL A 238 10.42 -3.32 -2.17
CA VAL A 238 10.49 -3.27 -3.63
C VAL A 238 11.88 -3.67 -4.13
N LEU A 239 12.93 -3.17 -3.47
CA LEU A 239 14.28 -3.52 -3.88
C LEU A 239 14.67 -4.94 -3.49
N MET A 240 13.93 -5.58 -2.59
CA MET A 240 14.07 -7.00 -2.29
C MET A 240 13.21 -7.86 -3.19
N LEU A 241 12.52 -7.25 -4.15
CA LEU A 241 11.57 -7.91 -5.04
C LEU A 241 10.52 -8.69 -4.26
N CYS A 242 10.18 -8.17 -3.08
CA CYS A 242 9.17 -8.75 -2.19
C CYS A 242 9.47 -10.21 -1.83
N ARG A 243 10.74 -10.56 -1.78
CA ARG A 243 11.16 -11.93 -1.47
C ARG A 243 11.49 -12.14 0.01
N ALA A 244 11.30 -11.13 0.86
CA ALA A 244 11.71 -11.26 2.26
C ALA A 244 10.89 -10.33 3.13
N GLN A 245 10.53 -10.83 4.29
CA GLN A 245 9.82 -9.98 5.24
C GLN A 245 10.82 -9.04 5.93
N PRO A 246 10.46 -7.78 6.15
CA PRO A 246 11.36 -6.88 6.90
C PRO A 246 11.64 -7.42 8.28
N PHE A 247 12.92 -7.36 8.68
CA PHE A 247 13.42 -7.93 9.93
C PHE A 247 13.03 -9.40 10.07
N GLY A 248 13.00 -10.11 8.94
CA GLY A 248 12.41 -11.44 8.88
C GLY A 248 13.01 -12.45 9.83
N GLN A 249 14.28 -12.29 10.21
CA GLN A 249 14.91 -13.26 11.11
C GLN A 249 14.74 -12.89 12.59
N LEU A 250 14.07 -11.77 12.89
CA LEU A 250 13.76 -11.36 14.25
C LEU A 250 12.31 -11.68 14.58
N THR A 251 12.07 -11.96 15.87
CA THR A 251 10.70 -12.19 16.33
C THR A 251 9.95 -10.88 16.43
N ASP A 252 8.61 -10.98 16.54
CA ASP A 252 7.78 -9.81 16.82
C ASP A 252 8.26 -9.09 18.07
N GLU A 253 8.56 -9.85 19.13
CA GLU A 253 9.02 -9.26 20.37
C GLU A 253 10.33 -8.51 20.17
N GLN A 254 11.24 -9.04 19.35
CA GLN A 254 12.50 -8.35 19.09
C GLN A 254 12.28 -7.06 18.28
N VAL A 255 11.33 -7.09 17.34
CA VAL A 255 11.01 -5.88 16.59
C VAL A 255 10.43 -4.81 17.51
N ILE A 256 9.62 -5.22 18.48
CA ILE A 256 9.04 -4.25 19.40
C ILE A 256 10.12 -3.70 20.33
N GLU A 257 11.06 -4.56 20.76
CA GLU A 257 12.16 -4.08 21.60
C GLU A 257 13.08 -3.14 20.83
N ASN A 258 13.18 -3.33 19.51
CA ASN A 258 14.01 -2.44 18.72
C ASN A 258 13.47 -1.01 18.75
N ALA A 259 12.14 -0.85 18.83
CA ALA A 259 11.55 0.47 18.97
C ALA A 259 12.00 1.13 20.27
N GLY A 260 12.09 0.34 21.35
CA GLY A 260 12.64 0.86 22.59
C GLY A 260 14.07 1.34 22.44
N GLU A 261 14.87 0.62 21.66
CA GLU A 261 16.25 1.07 21.45
C GLU A 261 16.32 2.36 20.65
N PHE A 262 15.38 2.58 19.73
CA PHE A 262 15.29 3.90 19.10
C PHE A 262 15.00 4.97 20.14
N PHE A 263 14.00 4.72 20.99
CA PHE A 263 13.62 5.69 22.01
C PHE A 263 14.80 6.05 22.91
N ARG A 264 15.48 5.03 23.43
CA ARG A 264 16.57 5.28 24.39
C ARG A 264 17.76 5.96 23.73
N ASP A 265 17.97 5.74 22.43
CA ASP A 265 18.95 6.48 21.64
C ASP A 265 20.37 6.30 22.17
N GLN A 266 20.79 5.04 22.29
CA GLN A 266 22.14 4.70 22.75
C GLN A 266 22.93 3.94 21.69
N GLY A 267 22.50 4.00 20.43
CA GLY A 267 23.23 3.37 19.36
C GLY A 267 23.07 1.87 19.27
N ARG A 268 22.06 1.30 19.91
CA ARG A 268 21.83 -0.14 19.85
C ARG A 268 20.67 -0.52 18.94
N GLN A 269 20.00 0.45 18.33
CA GLN A 269 18.91 0.12 17.41
C GLN A 269 19.48 -0.46 16.13
N VAL A 270 18.68 -1.28 15.46
CA VAL A 270 19.12 -1.93 14.23
C VAL A 270 18.20 -1.53 13.09
N TYR A 271 18.71 -1.67 11.87
CA TYR A 271 18.00 -1.27 10.66
C TYR A 271 17.91 -2.42 9.67
N LEU A 272 16.97 -2.30 8.75
CA LEU A 272 16.94 -3.20 7.61
C LEU A 272 18.24 -3.08 6.82
N SER A 273 18.73 -4.21 6.30
CA SER A 273 20.00 -4.23 5.59
C SER A 273 19.83 -3.81 4.13
N ARG A 274 20.93 -3.39 3.52
CA ARG A 274 20.90 -2.92 2.13
C ARG A 274 20.57 -4.06 1.17
N PRO A 275 19.49 -3.96 0.39
CA PRO A 275 19.19 -5.04 -0.57
C PRO A 275 20.26 -5.14 -1.63
N PRO A 276 20.49 -6.33 -2.19
CA PRO A 276 21.47 -6.46 -3.28
C PRO A 276 21.19 -5.56 -4.48
N ALA A 277 19.92 -5.34 -4.82
CA ALA A 277 19.55 -4.48 -5.93
C ALA A 277 19.66 -3.00 -5.60
N CYS A 278 20.03 -2.65 -4.37
CA CYS A 278 19.98 -1.28 -3.90
C CYS A 278 21.38 -0.68 -3.82
N PRO A 279 21.71 0.34 -4.60
CA PRO A 279 23.00 1.01 -4.46
C PRO A 279 23.06 1.83 -3.17
N GLN A 280 24.29 2.09 -2.71
CA GLN A 280 24.46 2.73 -1.41
C GLN A 280 23.79 4.10 -1.34
N GLY A 281 23.81 4.88 -2.43
CA GLY A 281 23.17 6.18 -2.42
C GLY A 281 21.68 6.10 -2.15
N LEU A 282 21.00 5.15 -2.76
CA LEU A 282 19.59 4.93 -2.48
C LEU A 282 19.38 4.41 -1.06
N TYR A 283 20.29 3.59 -0.56
CA TYR A 283 20.15 3.05 0.78
C TYR A 283 20.25 4.15 1.84
N GLU A 284 21.13 5.12 1.61
CA GLU A 284 21.23 6.24 2.55
C GLU A 284 19.94 7.04 2.59
N LEU A 285 19.22 7.11 1.47
CA LEU A 285 17.90 7.71 1.47
C LEU A 285 16.92 6.92 2.33
N MET A 286 16.95 5.58 2.20
CA MET A 286 16.12 4.73 3.05
C MET A 286 16.42 4.97 4.52
N LEU A 287 17.70 5.01 4.87
CA LEU A 287 18.09 5.23 6.26
C LEU A 287 17.56 6.56 6.80
N ARG A 288 17.47 7.58 5.94
CA ARG A 288 16.92 8.85 6.38
C ARG A 288 15.45 8.74 6.72
N CYS A 289 14.73 7.84 6.04
CA CYS A 289 13.32 7.60 6.38
C CYS A 289 13.17 7.00 7.76
N TRP A 290 14.23 6.42 8.32
CA TRP A 290 14.17 5.78 9.61
C TRP A 290 14.90 6.62 10.65
N SER A 291 15.01 7.93 10.42
CA SER A 291 15.58 8.84 11.41
C SER A 291 14.77 8.77 12.68
N ARG A 292 15.46 8.86 13.83
CA ARG A 292 14.76 8.86 15.10
C ARG A 292 13.81 10.04 15.20
N GLU A 293 14.29 11.23 14.82
CA GLU A 293 13.47 12.43 14.89
C GLU A 293 12.55 12.49 13.68
N SER A 294 11.25 12.59 13.93
CA SER A 294 10.26 12.63 12.85
C SER A 294 10.56 13.76 11.87
N GLU A 295 10.95 14.93 12.39
CA GLU A 295 11.14 16.08 11.51
C GLU A 295 12.35 15.94 10.60
N GLN A 296 13.27 15.02 10.91
CA GLN A 296 14.43 14.79 10.06
C GLN A 296 14.17 13.79 8.95
N ARG A 297 13.01 13.18 8.93
CA ARG A 297 12.69 12.27 7.85
C ARG A 297 12.34 13.08 6.60
N PRO A 298 12.70 12.59 5.42
CA PRO A 298 12.49 13.38 4.19
C PRO A 298 11.01 13.48 3.86
N PRO A 299 10.55 14.64 3.40
CA PRO A 299 9.18 14.73 2.90
C PRO A 299 9.03 13.92 1.61
N PHE A 300 7.78 13.54 1.32
CA PHE A 300 7.52 12.76 0.11
C PHE A 300 7.88 13.54 -1.15
N SER A 301 7.73 14.87 -1.14
CA SER A 301 8.18 15.66 -2.27
C SER A 301 9.64 15.40 -2.58
N GLN A 302 10.46 15.26 -1.54
CA GLN A 302 11.89 15.01 -1.70
C GLN A 302 12.17 13.56 -2.10
N LEU A 303 11.46 12.61 -1.48
CA LEU A 303 11.59 11.21 -1.86
C LEU A 303 11.22 11.01 -3.33
N HIS A 304 10.16 11.66 -3.78
CA HIS A 304 9.75 11.47 -5.17
C HIS A 304 10.82 11.98 -6.11
N ARG A 305 11.36 13.17 -5.84
CA ARG A 305 12.37 13.73 -6.73
C ARG A 305 13.62 12.87 -6.78
N PHE A 306 14.04 12.32 -5.63
CA PHE A 306 15.22 11.47 -5.63
C PHE A 306 14.99 10.23 -6.49
N LEU A 307 13.84 9.59 -6.32
CA LEU A 307 13.58 8.34 -7.04
C LEU A 307 13.33 8.58 -8.52
N ALA A 308 12.74 9.72 -8.86
CA ALA A 308 12.44 10.00 -10.26
C ALA A 308 13.63 10.57 -11.01
N GLU A 309 14.57 11.23 -10.32
CA GLU A 309 15.68 11.88 -11.01
C GLU A 309 17.04 11.49 -10.44
N ASP A 310 17.35 11.90 -9.20
CA ASP A 310 18.68 11.68 -8.62
C ASP A 310 19.14 10.24 -8.75
N ALA A 311 18.25 9.29 -8.47
CA ALA A 311 18.63 7.88 -8.49
C ALA A 311 19.01 7.38 -9.87
N LEU A 312 18.73 8.16 -10.92
CA LEU A 312 19.01 7.68 -12.27
C LEU A 312 20.50 7.66 -12.60
N ASN A 313 21.32 8.41 -11.87
CA ASN A 313 22.76 8.31 -12.09
C ASN A 313 23.38 7.18 -11.29
N THR A 314 22.57 6.41 -10.58
CA THR A 314 23.01 5.19 -9.91
C THR A 314 22.70 3.94 -10.71
N VAL A 315 22.11 4.09 -11.91
CA VAL A 315 21.93 2.96 -12.82
C VAL A 315 23.25 2.67 -13.52
#